data_4JP4
#
_entry.id   4JP4
#
_cell.length_a   135.616
_cell.length_b   36.130
_cell.length_c   95.755
_cell.angle_alpha   90.000
_cell.angle_beta   131.020
_cell.angle_gamma   90.000
#
_symmetry.space_group_name_H-M   'C 1 2 1'
#
loop_
_entity.id
_entity.type
_entity.pdbx_description
1 polymer 'Collagenase 3'
2 non-polymer 'ZINC ION'
3 non-polymer 'CALCIUM ION'
4 non-polymer 'SODIUM ION'
5 non-polymer N-[(2S)-4-(5-fluoropyrimidin-2-yl)-1-({4-[5-(2,2,2-trifluoroethoxy)pyrimidin-2-yl]piperazin-1-yl}sulfonyl)butan-2-yl]-N-hydroxyformamide
6 water water
#
_entity_poly.entity_id   1
_entity_poly.type   'polypeptide(L)'
_entity_poly.pdbx_seq_one_letter_code
;MEYNVFPRTLKWSKMNLTYRIVNYTPDMTHSEVEKAFKKAFKVWSDVTPLNFTRLHDGIADIMISFGIKEHGDFYPFDGP
SGLLAHAFPPGPNYGGDAHFDDDETWTSSSKGYNLFLVAAHEFGHSLGLDHSKDPGALMFPIYTYTGKSHFMLPDDDVQG
IQSLYGPGDEDPN
;
_entity_poly.pdbx_strand_id   A,B
#
loop_
_chem_comp.id
_chem_comp.type
_chem_comp.name
_chem_comp.formula
AZ4 non-polymer N-[(2S)-4-(5-fluoropyrimidin-2-yl)-1-({4-[5-(2,2,2-trifluoroethoxy)pyrimidin-2-yl]piperazin-1-yl}sulfonyl)butan-2-yl]-N-hydroxyformamide 'C19 H23 F4 N7 O5 S'
CA non-polymer 'CALCIUM ION' 'Ca 2'
NA non-polymer 'SODIUM ION' 'Na 1'
ZN non-polymer 'ZINC ION' 'Zn 2'
#
# COMPACT_ATOMS: atom_id res chain seq x y z
N TYR A 3 12.69 -14.72 7.31
CA TYR A 3 11.82 -13.54 7.56
C TYR A 3 12.03 -12.49 6.50
N ASN A 4 11.11 -11.55 6.42
CA ASN A 4 11.29 -10.38 5.57
C ASN A 4 10.73 -9.15 6.25
N VAL A 5 11.54 -8.10 6.32
CA VAL A 5 11.05 -6.78 6.70
C VAL A 5 10.54 -6.04 5.45
N PHE A 6 9.81 -4.95 5.64
CA PHE A 6 9.30 -4.20 4.49
C PHE A 6 10.44 -3.43 3.79
N PRO A 7 10.31 -3.20 2.46
CA PRO A 7 11.23 -2.32 1.74
C PRO A 7 11.35 -0.91 2.34
N ARG A 8 12.45 -0.21 2.03
CA ARG A 8 12.70 1.15 2.54
C ARG A 8 11.90 2.27 1.86
N THR A 9 11.52 2.05 0.60
CA THR A 9 10.75 3.01 -0.17
C THR A 9 9.60 2.25 -0.77
N LEU A 10 8.53 2.97 -1.12
CA LEU A 10 7.46 2.38 -1.87
C LEU A 10 8.01 2.16 -3.30
N LYS A 11 8.12 0.90 -3.70
CA LYS A 11 8.54 0.56 -5.05
C LYS A 11 7.92 -0.78 -5.41
N TRP A 12 7.80 -1.04 -6.70
CA TRP A 12 7.31 -2.34 -7.15
C TRP A 12 8.42 -3.34 -6.93
N SER A 13 8.06 -4.51 -6.42
CA SER A 13 9.04 -5.54 -6.10
C SER A 13 9.26 -6.47 -7.27
N LYS A 14 8.78 -6.08 -8.44
CA LYS A 14 8.93 -6.83 -9.67
C LYS A 14 9.15 -5.87 -10.82
N MET A 15 9.85 -6.31 -11.85
CA MET A 15 10.13 -5.46 -13.00
C MET A 15 9.03 -5.53 -14.06
N ASN A 16 8.25 -6.60 -14.08
CA ASN A 16 7.21 -6.78 -15.09
C ASN A 16 5.91 -6.21 -14.57
N LEU A 17 5.50 -5.07 -15.12
CA LEU A 17 4.28 -4.40 -14.65
C LEU A 17 3.26 -4.37 -15.77
N THR A 18 1.99 -4.38 -15.38
CA THR A 18 0.90 -4.29 -16.32
C THR A 18 0.10 -3.01 -16.10
N TYR A 19 -0.49 -2.53 -17.20
CA TYR A 19 -1.46 -1.45 -17.13
C TYR A 19 -2.71 -1.78 -17.91
N ARG A 20 -3.82 -1.13 -17.57
CA ARG A 20 -5.07 -1.28 -18.30
C ARG A 20 -5.70 0.07 -18.48
N ILE A 21 -6.09 0.40 -19.69
CA ILE A 21 -6.84 1.61 -19.94
C ILE A 21 -8.31 1.23 -19.77
N VAL A 22 -8.88 1.61 -18.63
CA VAL A 22 -10.21 1.13 -18.25
C VAL A 22 -11.29 1.87 -19.05
N ASN A 23 -11.08 3.14 -19.35
CA ASN A 23 -11.99 3.89 -20.18
C ASN A 23 -11.24 5.03 -20.83
N TYR A 24 -11.96 5.79 -21.67
CA TYR A 24 -11.34 6.77 -22.53
C TYR A 24 -12.02 8.13 -22.50
N THR A 25 -11.19 9.16 -22.62
CA THR A 25 -11.69 10.52 -22.70
C THR A 25 -12.47 10.78 -23.99
N PRO A 26 -13.47 11.67 -23.94
CA PRO A 26 -14.10 12.10 -25.19
C PRO A 26 -13.16 12.87 -26.12
N ASP A 27 -12.05 13.40 -25.57
CA ASP A 27 -11.35 14.50 -26.24
C ASP A 27 -10.43 14.03 -27.34
N MET A 28 -10.05 12.75 -27.30
CA MET A 28 -9.07 12.17 -28.19
C MET A 28 -9.52 10.81 -28.69
N THR A 29 -8.98 10.34 -29.81
CA THR A 29 -9.32 9.01 -30.28
C THR A 29 -8.71 7.93 -29.37
N HIS A 30 -9.23 6.71 -29.47
CA HIS A 30 -8.64 5.60 -28.70
C HIS A 30 -7.16 5.46 -29.03
N SER A 31 -6.83 5.51 -30.32
CA SER A 31 -5.45 5.34 -30.76
C SER A 31 -4.54 6.41 -30.17
N GLU A 32 -4.98 7.66 -30.18
CA GLU A 32 -4.16 8.76 -29.64
C GLU A 32 -3.88 8.54 -28.16
N VAL A 33 -4.91 8.10 -27.45
CA VAL A 33 -4.76 7.86 -26.02
C VAL A 33 -3.79 6.73 -25.76
N GLU A 34 -3.96 5.64 -26.51
CA GLU A 34 -3.07 4.49 -26.36
C GLU A 34 -1.63 4.87 -26.66
N LYS A 35 -1.44 5.66 -27.71
CA LYS A 35 -0.09 6.06 -28.09
C LYS A 35 0.55 6.94 -27.02
N ALA A 36 -0.22 7.86 -26.48
CA ALA A 36 0.28 8.77 -25.43
C ALA A 36 0.72 7.96 -24.20
N PHE A 37 -0.10 7.00 -23.79
CA PHE A 37 0.22 6.21 -22.59
C PHE A 37 1.42 5.30 -22.86
N LYS A 38 1.47 4.72 -24.06
CA LYS A 38 2.61 3.85 -24.40
C LYS A 38 3.90 4.64 -24.35
N LYS A 39 3.89 5.84 -24.91
CA LYS A 39 5.08 6.70 -24.94
C LYS A 39 5.47 7.11 -23.52
N ALA A 40 4.47 7.42 -22.70
CA ALA A 40 4.70 7.82 -21.32
C ALA A 40 5.34 6.71 -20.47
N PHE A 41 4.90 5.47 -20.65
CA PHE A 41 5.57 4.35 -20.00
C PHE A 41 7.00 4.16 -20.50
N LYS A 42 7.20 4.37 -21.80
CA LYS A 42 8.51 4.17 -22.41
C LYS A 42 9.55 5.16 -21.84
N VAL A 43 9.10 6.36 -21.45
CA VAL A 43 9.96 7.32 -20.79
C VAL A 43 10.70 6.65 -19.62
N TRP A 44 9.97 5.84 -18.87
CA TRP A 44 10.49 5.21 -17.68
C TRP A 44 11.18 3.88 -17.94
N SER A 45 10.60 3.06 -18.80
CA SER A 45 11.25 1.77 -19.14
C SER A 45 12.59 1.98 -19.83
N ASP A 46 12.76 3.07 -20.58
CA ASP A 46 14.01 3.32 -21.30
C ASP A 46 15.20 3.56 -20.38
N VAL A 47 14.97 3.90 -19.13
CA VAL A 47 16.07 4.25 -18.20
C VAL A 47 16.10 3.38 -16.94
N THR A 48 15.38 2.25 -16.98
CA THR A 48 15.30 1.28 -15.88
C THR A 48 15.22 -0.12 -16.47
N PRO A 49 15.15 -1.14 -15.62
CA PRO A 49 14.80 -2.49 -16.12
C PRO A 49 13.28 -2.77 -16.20
N LEU A 50 12.44 -1.78 -15.99
CA LEU A 50 11.00 -2.01 -15.95
C LEU A 50 10.45 -2.34 -17.34
N ASN A 51 9.49 -3.25 -17.36
CA ASN A 51 8.74 -3.62 -18.55
C ASN A 51 7.28 -3.29 -18.28
N PHE A 52 6.60 -2.76 -19.30
CA PHE A 52 5.16 -2.47 -19.21
C PHE A 52 4.40 -3.16 -20.31
N THR A 53 3.40 -3.95 -19.91
CA THR A 53 2.55 -4.70 -20.82
C THR A 53 1.09 -4.25 -20.58
N ARG A 54 0.40 -3.96 -21.65
CA ARG A 54 -1.00 -3.55 -21.60
C ARG A 54 -1.93 -4.77 -21.53
N LEU A 55 -2.86 -4.72 -20.60
CA LEU A 55 -3.97 -5.66 -20.51
C LEU A 55 -5.24 -4.99 -21.00
N HIS A 56 -6.05 -5.73 -21.73
CA HIS A 56 -7.27 -5.14 -22.24
C HIS A 56 -8.41 -5.21 -21.27
N ASP A 57 -8.31 -6.12 -20.30
CA ASP A 57 -9.28 -6.22 -19.23
C ASP A 57 -8.65 -6.95 -18.04
N GLY A 58 -9.43 -7.14 -16.99
CA GLY A 58 -8.94 -7.78 -15.78
C GLY A 58 -8.15 -6.83 -14.91
N ILE A 59 -7.35 -7.38 -14.01
CA ILE A 59 -6.65 -6.59 -13.03
C ILE A 59 -5.23 -6.37 -13.49
N ALA A 60 -4.88 -5.11 -13.70
CA ALA A 60 -3.52 -4.71 -14.00
C ALA A 60 -2.95 -4.01 -12.80
N ASP A 61 -1.62 -3.91 -12.74
CA ASP A 61 -0.99 -3.20 -11.65
C ASP A 61 -1.41 -1.73 -11.68
N ILE A 62 -1.32 -1.13 -12.86
CA ILE A 62 -1.62 0.29 -13.02
C ILE A 62 -2.91 0.40 -13.79
N MET A 63 -4.01 0.63 -13.08
CA MET A 63 -5.31 0.81 -13.70
C MET A 63 -5.46 2.30 -14.02
N ILE A 64 -5.74 2.58 -15.28
CA ILE A 64 -5.84 3.98 -15.76
C ILE A 64 -7.29 4.31 -16.11
N SER A 65 -7.79 5.46 -15.65
CA SER A 65 -9.13 5.85 -15.98
C SER A 65 -9.33 7.35 -16.01
N PHE A 66 -10.38 7.74 -16.72
CA PHE A 66 -10.84 9.11 -16.84
C PHE A 66 -12.14 9.24 -16.06
N GLY A 67 -12.24 10.28 -15.22
CA GLY A 67 -13.38 10.43 -14.34
C GLY A 67 -13.59 11.88 -14.00
N ILE A 68 -14.72 12.18 -13.36
CA ILE A 68 -15.00 13.51 -12.86
C ILE A 68 -15.50 13.46 -11.43
N LYS A 69 -15.34 14.56 -10.72
CA LYS A 69 -15.88 14.72 -9.39
C LYS A 69 -15.58 13.48 -8.54
N GLU A 70 -16.56 12.91 -7.83
CA GLU A 70 -16.32 11.71 -7.05
C GLU A 70 -16.24 10.52 -7.98
N HIS A 71 -15.17 9.75 -7.89
CA HIS A 71 -14.94 8.66 -8.81
C HIS A 71 -14.40 7.40 -8.13
N GLY A 72 -14.49 7.32 -6.81
CA GLY A 72 -14.23 6.06 -6.10
C GLY A 72 -12.96 6.02 -5.27
N ASP A 73 -12.58 7.19 -4.75
CA ASP A 73 -11.42 7.29 -3.87
C ASP A 73 -11.51 8.54 -3.02
N PHE A 74 -10.46 8.85 -2.25
CA PHE A 74 -10.51 10.04 -1.39
C PHE A 74 -10.02 11.31 -2.03
N TYR A 75 -9.83 11.30 -3.34
CA TYR A 75 -9.28 12.44 -4.04
C TYR A 75 -10.23 12.82 -5.16
N PRO A 76 -11.42 13.32 -4.82
CA PRO A 76 -12.38 13.72 -5.86
C PRO A 76 -11.82 14.83 -6.73
N PHE A 77 -12.20 14.78 -8.00
CA PHE A 77 -11.86 15.85 -8.92
C PHE A 77 -12.80 17.03 -8.72
N ASP A 78 -12.49 18.12 -9.39
CA ASP A 78 -13.00 19.43 -9.00
C ASP A 78 -13.46 20.28 -10.18
N GLY A 79 -13.85 19.62 -11.26
CA GLY A 79 -14.28 20.33 -12.46
C GLY A 79 -13.09 20.90 -13.21
N PRO A 80 -13.33 21.81 -14.16
CA PRO A 80 -12.27 22.37 -14.97
C PRO A 80 -11.17 23.03 -14.14
N SER A 81 -9.95 22.83 -14.59
CA SER A 81 -8.77 23.38 -13.95
C SER A 81 -8.55 22.81 -12.56
N GLY A 82 -7.68 23.44 -11.77
CA GLY A 82 -7.37 22.90 -10.48
C GLY A 82 -6.63 21.56 -10.54
N LEU A 83 -7.15 20.59 -9.81
CA LEU A 83 -6.59 19.23 -9.85
C LEU A 83 -6.80 18.66 -11.26
N LEU A 84 -5.74 18.21 -11.91
CA LEU A 84 -5.81 17.68 -13.29
C LEU A 84 -5.84 16.15 -13.36
N ALA A 85 -5.14 15.51 -12.44
CA ALA A 85 -4.93 14.07 -12.45
C ALA A 85 -4.29 13.74 -11.11
N HIS A 86 -4.30 12.46 -10.76
CA HIS A 86 -3.52 12.02 -9.61
C HIS A 86 -3.25 10.55 -9.80
N ALA A 87 -2.20 10.08 -9.13
CA ALA A 87 -1.83 8.68 -9.17
C ALA A 87 -1.29 8.24 -7.84
N PHE A 88 -1.51 6.97 -7.53
CA PHE A 88 -1.14 6.42 -6.23
C PHE A 88 0.22 5.78 -6.27
N PRO A 89 1.00 5.88 -5.16
CA PRO A 89 2.28 5.19 -5.08
C PRO A 89 2.16 3.68 -5.25
N PRO A 90 3.29 3.01 -5.53
CA PRO A 90 3.26 1.56 -5.63
C PRO A 90 2.63 0.86 -4.43
N GLY A 91 1.82 -0.13 -4.73
CA GLY A 91 1.14 -0.92 -3.71
C GLY A 91 0.00 -1.69 -4.31
N PRO A 92 -0.69 -2.47 -3.48
CA PRO A 92 -1.81 -3.26 -3.96
C PRO A 92 -3.03 -2.39 -4.24
N ASN A 93 -3.96 -2.96 -5.00
CA ASN A 93 -5.27 -2.39 -5.22
C ASN A 93 -5.13 -1.04 -5.89
N TYR A 94 -5.56 0.05 -5.27
CA TYR A 94 -5.45 1.37 -5.90
C TYR A 94 -3.99 1.82 -6.09
N GLY A 95 -3.05 1.22 -5.38
CA GLY A 95 -1.64 1.55 -5.58
C GLY A 95 -1.29 1.48 -7.05
N GLY A 96 -0.49 2.43 -7.51
CA GLY A 96 -0.10 2.52 -8.90
C GLY A 96 -1.13 3.11 -9.83
N ASP A 97 -2.40 3.14 -9.47
CA ASP A 97 -3.43 3.54 -10.43
C ASP A 97 -3.35 5.04 -10.73
N ALA A 98 -3.79 5.42 -11.93
CA ALA A 98 -3.70 6.81 -12.39
C ALA A 98 -5.06 7.23 -12.94
N HIS A 99 -5.51 8.37 -12.41
CA HIS A 99 -6.81 8.91 -12.73
C HIS A 99 -6.65 10.30 -13.33
N PHE A 100 -7.40 10.55 -14.39
CA PHE A 100 -7.32 11.80 -15.13
C PHE A 100 -8.67 12.47 -15.08
N ASP A 101 -8.72 13.76 -14.71
CA ASP A 101 -9.96 14.51 -14.63
C ASP A 101 -10.49 14.83 -16.02
N ASP A 102 -11.62 14.25 -16.37
CA ASP A 102 -12.18 14.49 -17.70
C ASP A 102 -13.00 15.75 -17.81
N ASP A 103 -12.94 16.61 -16.78
CA ASP A 103 -13.37 18.00 -16.96
C ASP A 103 -12.23 18.90 -17.47
N GLU A 104 -11.04 18.33 -17.66
CA GLU A 104 -10.00 19.01 -18.43
C GLU A 104 -10.09 18.63 -19.89
N THR A 105 -9.48 19.44 -20.74
CA THR A 105 -9.31 19.08 -22.13
C THR A 105 -7.94 18.46 -22.37
N TRP A 106 -7.95 17.18 -22.72
CA TRP A 106 -6.78 16.37 -22.97
C TRP A 106 -6.45 16.39 -24.46
N THR A 107 -5.18 16.55 -24.79
CA THR A 107 -4.79 16.68 -26.20
C THR A 107 -3.52 15.91 -26.56
N SER A 108 -3.34 15.76 -27.86
CA SER A 108 -2.08 15.31 -28.46
C SER A 108 -1.39 16.50 -29.11
N SER A 109 -1.42 17.64 -28.44
CA SER A 109 -0.88 18.88 -29.01
C SER A 109 -0.45 19.80 -27.88
N SER A 110 -0.18 21.06 -28.21
CA SER A 110 0.19 22.08 -27.24
C SER A 110 -1.04 22.68 -26.57
N LYS A 111 -2.22 22.43 -27.10
CA LYS A 111 -3.45 22.98 -26.54
C LYS A 111 -3.89 22.19 -25.31
N GLY A 112 -4.75 22.77 -24.49
CA GLY A 112 -5.27 22.09 -23.31
C GLY A 112 -4.15 21.53 -22.47
N TYR A 113 -4.31 20.29 -21.99
CA TYR A 113 -3.23 19.61 -21.31
C TYR A 113 -2.80 18.43 -22.15
N ASN A 114 -1.51 18.35 -22.45
CA ASN A 114 -0.98 17.29 -23.25
C ASN A 114 -1.00 15.99 -22.46
N LEU A 115 -1.71 15.00 -22.97
CA LEU A 115 -1.94 13.79 -22.19
C LEU A 115 -0.64 13.01 -21.96
N PHE A 116 0.21 12.94 -22.97
CA PHE A 116 1.49 12.26 -22.82
C PHE A 116 2.30 12.86 -21.65
N LEU A 117 2.43 14.18 -21.63
CA LEU A 117 3.26 14.81 -20.61
C LEU A 117 2.70 14.59 -19.22
N VAL A 118 1.40 14.83 -19.05
CA VAL A 118 0.78 14.63 -17.75
C VAL A 118 0.84 13.14 -17.36
N ALA A 119 0.57 12.24 -18.30
CA ALA A 119 0.64 10.81 -18.01
C ALA A 119 2.04 10.38 -17.58
N ALA A 120 3.08 10.91 -18.24
CA ALA A 120 4.46 10.55 -17.88
C ALA A 120 4.75 10.94 -16.43
N HIS A 121 4.24 12.10 -16.03
CA HIS A 121 4.39 12.59 -14.65
C HIS A 121 3.56 11.70 -13.72
N GLU A 122 2.31 11.42 -14.10
CA GLU A 122 1.52 10.50 -13.28
C GLU A 122 2.21 9.17 -13.04
N PHE A 123 2.76 8.61 -14.11
CA PHE A 123 3.35 7.30 -14.00
C PHE A 123 4.61 7.36 -13.17
N GLY A 124 5.25 8.51 -13.10
CA GLY A 124 6.33 8.69 -12.13
C GLY A 124 5.82 8.43 -10.72
N HIS A 125 4.66 9.02 -10.39
CA HIS A 125 4.03 8.74 -9.10
C HIS A 125 3.71 7.27 -8.94
N SER A 126 3.13 6.68 -9.99
CA SER A 126 2.77 5.25 -9.95
C SER A 126 3.95 4.34 -9.64
N LEU A 127 5.14 4.79 -10.01
CA LEU A 127 6.36 3.99 -9.85
C LEU A 127 7.13 4.35 -8.60
N GLY A 128 6.75 5.42 -7.91
CA GLY A 128 7.35 5.73 -6.60
C GLY A 128 8.07 7.05 -6.48
N LEU A 129 7.93 7.96 -7.44
CA LEU A 129 8.50 9.29 -7.31
C LEU A 129 7.45 10.28 -6.83
N ASP A 130 7.80 11.08 -5.82
CA ASP A 130 7.01 12.22 -5.40
C ASP A 130 7.52 13.41 -6.21
N HIS A 131 7.09 14.61 -5.87
CA HIS A 131 7.51 15.81 -6.59
C HIS A 131 8.94 16.20 -6.31
N SER A 132 9.51 16.86 -7.31
CA SER A 132 10.89 17.35 -7.30
C SER A 132 10.90 18.86 -7.16
N LYS A 133 11.97 19.40 -6.59
CA LYS A 133 12.16 20.86 -6.55
C LYS A 133 12.90 21.42 -7.75
N ASP A 134 13.44 20.53 -8.59
CA ASP A 134 14.09 20.98 -9.82
C ASP A 134 13.05 21.49 -10.82
N PRO A 135 13.04 22.81 -11.13
CA PRO A 135 12.00 23.35 -12.03
C PRO A 135 12.01 22.77 -13.44
N GLY A 136 13.11 22.12 -13.83
CA GLY A 136 13.18 21.49 -15.14
C GLY A 136 12.75 20.03 -15.15
N ALA A 137 12.44 19.48 -13.99
CA ALA A 137 12.09 18.06 -13.88
C ALA A 137 10.68 17.75 -14.36
N LEU A 138 10.51 16.53 -14.88
CA LEU A 138 9.18 16.04 -15.21
C LEU A 138 8.29 16.01 -13.94
N MET A 139 8.88 15.65 -12.79
CA MET A 139 8.17 15.54 -11.55
C MET A 139 8.08 16.86 -10.76
N PHE A 140 8.48 17.99 -11.36
CA PHE A 140 8.16 19.30 -10.79
C PHE A 140 6.63 19.37 -10.65
N PRO A 141 6.14 19.96 -9.55
CA PRO A 141 4.68 19.92 -9.28
C PRO A 141 3.77 20.80 -10.11
N ILE A 142 4.31 21.54 -11.08
CA ILE A 142 3.53 22.47 -11.92
C ILE A 142 3.71 22.19 -13.42
N TYR A 143 2.60 22.09 -14.16
CA TYR A 143 2.66 21.77 -15.59
C TYR A 143 3.09 22.96 -16.45
N THR A 144 4.03 22.71 -17.36
CA THR A 144 4.35 23.61 -18.47
C THR A 144 4.61 22.76 -19.70
N TYR A 145 4.09 23.19 -20.85
CA TYR A 145 4.18 22.37 -22.07
C TYR A 145 5.58 22.45 -22.65
N HIS A 150 12.16 16.93 -29.38
CA HIS A 150 11.25 16.04 -28.66
C HIS A 150 11.55 16.01 -27.16
N PHE A 151 10.64 15.39 -26.41
CA PHE A 151 10.79 15.23 -24.97
C PHE A 151 11.99 14.35 -24.64
N MET A 152 12.84 14.78 -23.71
CA MET A 152 13.85 13.89 -23.13
C MET A 152 13.82 13.98 -21.61
N LEU A 153 13.73 12.81 -20.96
CA LEU A 153 13.56 12.75 -19.52
C LEU A 153 14.70 13.47 -18.82
N PRO A 154 14.37 14.52 -18.05
CA PRO A 154 15.44 15.27 -17.37
C PRO A 154 16.26 14.44 -16.39
N ASP A 155 17.49 14.87 -16.14
CA ASP A 155 18.44 14.15 -15.30
CA ASP A 155 18.38 14.07 -15.34
C ASP A 155 17.88 13.89 -13.91
N ASP A 156 17.20 14.87 -13.33
CA ASP A 156 16.72 14.68 -11.98
C ASP A 156 15.77 13.46 -11.88
N ASP A 157 14.91 13.31 -12.89
CA ASP A 157 13.97 12.22 -12.91
C ASP A 157 14.67 10.90 -13.18
N VAL A 158 15.67 10.90 -14.06
CA VAL A 158 16.53 9.71 -14.29
C VAL A 158 17.15 9.28 -12.98
N GLN A 159 17.74 10.22 -12.28
CA GLN A 159 18.41 9.88 -11.01
C GLN A 159 17.41 9.30 -10.00
N GLY A 160 16.24 9.93 -9.92
CA GLY A 160 15.24 9.46 -9.00
C GLY A 160 14.74 8.06 -9.31
N ILE A 161 14.34 7.82 -10.56
CA ILE A 161 13.81 6.50 -10.87
C ILE A 161 14.87 5.42 -10.76
N GLN A 162 16.10 5.74 -11.12
CA GLN A 162 17.18 4.75 -11.05
C GLN A 162 17.53 4.46 -9.60
N SER A 163 17.30 5.41 -8.70
CA SER A 163 17.51 5.16 -7.28
C SER A 163 16.61 4.04 -6.75
N LEU A 164 15.45 3.89 -7.38
CA LEU A 164 14.50 2.86 -7.01
C LEU A 164 14.73 1.54 -7.72
N TYR A 165 14.99 1.58 -9.02
CA TYR A 165 14.94 0.37 -9.86
C TYR A 165 16.26 0.02 -10.55
N GLY A 166 17.27 0.87 -10.39
CA GLY A 166 18.50 0.72 -11.17
C GLY A 166 18.32 1.14 -12.62
N PRO A 167 19.42 1.17 -13.38
CA PRO A 167 19.41 1.68 -14.75
C PRO A 167 18.95 0.72 -15.85
N GLY A 168 18.84 -0.57 -15.54
CA GLY A 168 18.66 -1.55 -16.62
C GLY A 168 19.86 -1.49 -17.53
N ASP A 169 19.65 -1.81 -18.81
CA ASP A 169 20.72 -1.77 -19.80
C ASP A 169 21.09 -0.31 -20.08
N GLU A 170 22.33 0.04 -19.77
CA GLU A 170 22.77 1.43 -19.87
C GLU A 170 23.06 1.84 -21.32
N ASP A 171 23.05 0.90 -22.24
CA ASP A 171 23.32 1.19 -23.64
C ASP A 171 22.51 0.25 -24.52
N TYR B 3 15.10 15.28 -6.59
CA TYR B 3 13.92 14.36 -6.67
C TYR B 3 13.52 13.94 -5.29
N ASN B 4 12.33 13.34 -5.18
CA ASN B 4 11.91 12.72 -3.94
C ASN B 4 11.25 11.39 -4.23
N VAL B 5 11.44 10.44 -3.33
CA VAL B 5 10.68 9.21 -3.33
C VAL B 5 9.69 9.27 -2.18
N PHE B 6 8.88 8.22 -2.04
CA PHE B 6 7.99 8.07 -0.89
C PHE B 6 8.72 7.14 0.11
N PRO B 7 9.41 7.73 1.10
CA PRO B 7 10.12 6.88 2.08
C PRO B 7 9.20 6.16 3.08
N ARG B 8 9.50 4.89 3.33
CA ARG B 8 8.77 4.06 4.30
C ARG B 8 9.42 4.18 5.67
N THR B 9 8.59 4.16 6.71
CA THR B 9 9.07 4.09 8.08
C THR B 9 9.38 2.64 8.34
N LEU B 10 10.66 2.31 8.54
CA LEU B 10 11.05 0.90 8.61
C LEU B 10 10.80 0.28 10.00
N LYS B 11 10.69 1.13 11.01
CA LYS B 11 10.33 0.65 12.33
C LYS B 11 9.87 1.80 13.20
N TRP B 12 9.14 1.47 14.27
CA TRP B 12 8.75 2.47 15.24
C TRP B 12 10.00 3.03 15.90
N SER B 13 10.03 4.35 16.02
CA SER B 13 11.18 5.01 16.61
C SER B 13 11.04 5.22 18.11
N LYS B 14 9.93 4.78 18.68
CA LYS B 14 9.76 4.69 20.12
C LYS B 14 9.43 3.25 20.48
N MET B 15 9.82 2.85 21.69
CA MET B 15 9.55 1.50 22.19
C MET B 15 8.19 1.35 22.87
N ASN B 16 7.65 2.45 23.37
CA ASN B 16 6.38 2.44 24.05
C ASN B 16 5.27 2.82 23.08
N LEU B 17 4.42 1.84 22.72
CA LEU B 17 3.38 1.99 21.71
C LEU B 17 2.03 1.86 22.40
N THR B 18 1.03 2.54 21.88
CA THR B 18 -0.35 2.42 22.38
C THR B 18 -1.23 1.76 21.32
N TYR B 19 -2.26 1.10 21.79
CA TYR B 19 -3.29 0.54 20.95
C TYR B 19 -4.67 0.84 21.51
N ARG B 20 -5.68 0.80 20.66
CA ARG B 20 -7.08 1.04 21.05
C ARG B 20 -7.95 0.06 20.27
N ILE B 21 -8.84 -0.63 20.99
CA ILE B 21 -9.83 -1.50 20.41
C ILE B 21 -11.04 -0.60 20.19
N VAL B 22 -11.20 -0.19 18.92
CA VAL B 22 -12.23 0.78 18.56
C VAL B 22 -13.64 0.17 18.65
N ASN B 23 -13.79 -1.06 18.19
CA ASN B 23 -15.05 -1.77 18.26
C ASN B 23 -14.80 -3.27 18.35
N TYR B 24 -15.89 -4.03 18.43
CA TYR B 24 -15.82 -5.43 18.88
C TYR B 24 -16.65 -6.33 18.00
N THR B 25 -16.11 -7.50 17.66
CA THR B 25 -16.83 -8.47 16.89
C THR B 25 -18.03 -9.04 17.65
N PRO B 26 -19.11 -9.42 16.93
CA PRO B 26 -20.18 -10.16 17.59
C PRO B 26 -19.80 -11.53 18.14
N ASP B 27 -18.71 -12.10 17.63
CA ASP B 27 -18.49 -13.55 17.73
C ASP B 27 -17.92 -13.93 19.08
N MET B 28 -17.40 -12.95 19.81
CA MET B 28 -16.66 -13.19 21.06
C MET B 28 -17.06 -12.17 22.10
N THR B 29 -16.89 -12.47 23.39
CA THR B 29 -17.19 -11.47 24.40
C THR B 29 -16.13 -10.38 24.40
N HIS B 30 -16.42 -9.26 25.05
CA HIS B 30 -15.46 -8.16 25.12
C HIS B 30 -14.18 -8.68 25.76
N SER B 31 -14.33 -9.40 26.87
CA SER B 31 -13.16 -9.92 27.59
CA SER B 31 -13.16 -9.92 27.59
C SER B 31 -12.33 -10.87 26.74
N GLU B 32 -12.98 -11.75 25.97
CA GLU B 32 -12.27 -12.67 25.07
C GLU B 32 -11.46 -11.90 24.03
N VAL B 33 -12.06 -10.84 23.48
CA VAL B 33 -11.36 -10.04 22.47
C VAL B 33 -10.15 -9.34 23.09
N GLU B 34 -10.36 -8.76 24.26
CA GLU B 34 -9.28 -8.06 24.95
C GLU B 34 -8.14 -9.02 25.24
N LYS B 35 -8.47 -10.22 25.71
CA LYS B 35 -7.43 -11.18 26.09
C LYS B 35 -6.66 -11.64 24.84
N ALA B 36 -7.36 -11.83 23.73
CA ALA B 36 -6.71 -12.28 22.50
C ALA B 36 -5.71 -11.23 22.05
N PHE B 37 -6.11 -9.96 22.05
CA PHE B 37 -5.20 -8.93 21.56
C PHE B 37 -4.05 -8.72 22.54
N LYS B 38 -4.34 -8.76 23.85
CA LYS B 38 -3.28 -8.59 24.85
C LYS B 38 -2.22 -9.69 24.65
N LYS B 39 -2.66 -10.93 24.47
CA LYS B 39 -1.75 -12.07 24.25
C LYS B 39 -0.98 -11.91 22.95
N ALA B 40 -1.64 -11.42 21.90
CA ALA B 40 -0.96 -11.21 20.62
C ALA B 40 0.14 -10.16 20.71
N PHE B 41 -0.08 -9.07 21.45
CA PHE B 41 0.97 -8.06 21.63
C PHE B 41 2.10 -8.67 22.46
N LYS B 42 1.75 -9.50 23.45
CA LYS B 42 2.76 -10.12 24.31
C LYS B 42 3.72 -11.02 23.55
N VAL B 43 3.25 -11.62 22.47
CA VAL B 43 4.12 -12.43 21.60
C VAL B 43 5.36 -11.62 21.22
N TRP B 44 5.14 -10.37 20.87
CA TRP B 44 6.22 -9.51 20.38
C TRP B 44 6.97 -8.77 21.48
N SER B 45 6.27 -8.31 22.53
CA SER B 45 6.93 -7.61 23.60
C SER B 45 7.80 -8.57 24.39
N ASP B 46 7.47 -9.86 24.41
CA ASP B 46 8.29 -10.82 25.17
C ASP B 46 9.69 -11.02 24.60
N VAL B 47 9.90 -10.66 23.33
CA VAL B 47 11.19 -10.90 22.67
C VAL B 47 11.87 -9.63 22.14
N THR B 48 11.37 -8.46 22.57
CA THR B 48 11.94 -7.17 22.17
C THR B 48 11.79 -6.19 23.31
N PRO B 49 12.35 -4.97 23.17
CA PRO B 49 12.03 -3.94 24.16
C PRO B 49 10.72 -3.21 23.98
N LEU B 50 9.90 -3.65 23.02
CA LEU B 50 8.62 -2.99 22.79
C LEU B 50 7.67 -3.21 23.97
N ASN B 51 6.94 -2.15 24.32
CA ASN B 51 5.87 -2.22 25.32
C ASN B 51 4.56 -1.73 24.71
N PHE B 52 3.45 -2.38 25.06
CA PHE B 52 2.12 -1.99 24.52
C PHE B 52 1.18 -1.64 25.66
N THR B 53 0.55 -0.47 25.56
CA THR B 53 -0.44 0.03 26.51
CA THR B 53 -0.50 -0.15 26.50
C THR B 53 -1.76 0.28 25.80
N ARG B 54 -2.85 -0.08 26.45
CA ARG B 54 -4.17 0.11 25.86
C ARG B 54 -4.77 1.44 26.23
N LEU B 55 -5.22 2.18 25.22
CA LEU B 55 -6.01 3.38 25.44
C LEU B 55 -7.48 3.07 25.15
N HIS B 56 -8.36 3.71 25.91
CA HIS B 56 -9.79 3.55 25.70
C HIS B 56 -10.38 4.62 24.81
N ASP B 57 -9.71 5.76 24.70
CA ASP B 57 -10.25 6.90 23.98
C ASP B 57 -9.15 7.58 23.18
N GLY B 58 -9.55 8.30 22.15
CA GLY B 58 -8.63 9.12 21.39
C GLY B 58 -7.75 8.31 20.46
N ILE B 59 -6.70 8.96 20.00
CA ILE B 59 -5.79 8.32 19.05
C ILE B 59 -4.73 7.48 19.75
N ALA B 60 -4.49 6.29 19.24
CA ALA B 60 -3.44 5.39 19.66
C ALA B 60 -2.60 5.02 18.45
N ASP B 61 -1.37 4.54 18.66
CA ASP B 61 -0.54 4.20 17.53
C ASP B 61 -1.17 3.10 16.70
N ILE B 62 -1.61 2.04 17.35
CA ILE B 62 -2.20 0.89 16.66
C ILE B 62 -3.69 0.91 16.93
N MET B 63 -4.47 1.41 15.97
CA MET B 63 -5.94 1.44 16.07
C MET B 63 -6.45 0.12 15.53
N ILE B 64 -7.23 -0.60 16.33
CA ILE B 64 -7.76 -1.90 15.95
C ILE B 64 -9.27 -1.82 15.73
N SER B 65 -9.75 -2.34 14.61
CA SER B 65 -11.20 -2.33 14.35
C SER B 65 -11.64 -3.51 13.53
N PHE B 66 -12.94 -3.82 13.67
CA PHE B 66 -13.61 -4.86 12.92
C PHE B 66 -14.52 -4.15 11.92
N GLY B 67 -14.53 -4.61 10.68
CA GLY B 67 -15.36 -4.00 9.66
C GLY B 67 -15.66 -5.01 8.58
N ILE B 68 -16.54 -4.64 7.64
CA ILE B 68 -16.88 -5.51 6.51
C ILE B 68 -16.85 -4.70 5.22
N LYS B 69 -16.62 -5.41 4.12
CA LYS B 69 -16.68 -4.80 2.79
C LYS B 69 -15.87 -3.49 2.79
N GLU B 70 -16.41 -2.41 2.23
CA GLU B 70 -15.68 -1.15 2.22
C GLU B 70 -15.88 -0.46 3.54
N HIS B 71 -14.77 -0.26 4.24
CA HIS B 71 -14.82 0.18 5.64
C HIS B 71 -13.96 1.37 5.94
N GLY B 72 -13.58 2.12 4.90
CA GLY B 72 -12.97 3.41 5.06
C GLY B 72 -11.56 3.59 4.58
N ASP B 73 -10.98 2.59 3.95
CA ASP B 73 -9.62 2.77 3.42
C ASP B 73 -9.44 2.35 1.96
N PHE B 74 -10.55 2.06 1.27
CA PHE B 74 -10.53 1.57 -0.12
C PHE B 74 -9.64 0.35 -0.34
N TYR B 75 -9.47 -0.44 0.73
CA TYR B 75 -8.99 -1.81 0.63
C TYR B 75 -10.12 -2.71 1.16
N PRO B 76 -11.21 -2.86 0.40
CA PRO B 76 -12.39 -3.48 0.96
C PRO B 76 -12.17 -4.94 1.32
N PHE B 77 -12.88 -5.40 2.33
CA PHE B 77 -12.98 -6.80 2.62
C PHE B 77 -13.99 -7.46 1.65
N ASP B 78 -14.07 -8.77 1.72
CA ASP B 78 -14.64 -9.59 0.66
C ASP B 78 -15.64 -10.63 1.14
N GLY B 79 -16.24 -10.43 2.31
CA GLY B 79 -17.18 -11.39 2.83
C GLY B 79 -16.46 -12.58 3.42
N PRO B 80 -17.18 -13.65 3.76
CA PRO B 80 -16.56 -14.81 4.40
C PRO B 80 -15.41 -15.37 3.57
N SER B 81 -14.35 -15.78 4.26
CA SER B 81 -13.15 -16.36 3.66
C SER B 81 -12.34 -15.34 2.87
N GLY B 82 -11.39 -15.81 2.09
CA GLY B 82 -10.52 -14.93 1.34
C GLY B 82 -9.68 -14.11 2.28
N LEU B 83 -9.74 -12.81 2.08
CA LEU B 83 -9.00 -11.88 2.94
C LEU B 83 -9.62 -11.85 4.33
N LEU B 84 -8.80 -12.07 5.35
CA LEU B 84 -9.27 -12.18 6.74
C LEU B 84 -9.06 -10.90 7.54
N ALA B 85 -7.99 -10.17 7.22
CA ALA B 85 -7.58 -9.01 7.97
C ALA B 85 -6.47 -8.34 7.18
N HIS B 86 -6.18 -7.09 7.53
CA HIS B 86 -4.99 -6.43 7.03
C HIS B 86 -4.50 -5.41 8.02
N ALA B 87 -3.21 -5.15 7.94
CA ALA B 87 -2.59 -4.23 8.86
C ALA B 87 -1.56 -3.44 8.12
N PHE B 88 -1.36 -2.20 8.54
CA PHE B 88 -0.45 -1.28 7.85
C PHE B 88 0.89 -1.23 8.55
N PRO B 89 1.99 -1.08 7.78
CA PRO B 89 3.30 -0.98 8.39
C PRO B 89 3.47 0.25 9.29
N PRO B 90 4.54 0.27 10.08
CA PRO B 90 4.79 1.39 10.96
C PRO B 90 4.71 2.72 10.24
N GLY B 91 4.15 3.72 10.91
CA GLY B 91 4.03 5.05 10.34
C GLY B 91 2.92 5.82 11.02
N PRO B 92 2.76 7.07 10.64
CA PRO B 92 1.69 7.90 11.20
C PRO B 92 0.32 7.52 10.66
N ASN B 93 -0.72 8.03 11.29
CA ASN B 93 -2.08 7.87 10.83
C ASN B 93 -2.46 6.38 10.73
N TYR B 94 -2.83 5.89 9.57
CA TYR B 94 -3.20 4.48 9.45
C TYR B 94 -2.04 3.53 9.70
N GLY B 95 -0.80 4.00 9.62
CA GLY B 95 0.34 3.19 9.96
C GLY B 95 0.15 2.46 11.26
N GLY B 96 0.50 1.17 11.26
CA GLY B 96 0.28 0.31 12.42
C GLY B 96 -1.12 -0.21 12.63
N ASP B 97 -2.12 0.40 12.02
CA ASP B 97 -3.48 0.01 12.36
C ASP B 97 -3.81 -1.39 11.81
N ALA B 98 -4.76 -2.09 12.44
CA ALA B 98 -5.15 -3.44 12.07
C ALA B 98 -6.67 -3.52 11.97
N HIS B 99 -7.14 -4.06 10.84
CA HIS B 99 -8.55 -4.21 10.57
C HIS B 99 -8.83 -5.69 10.35
N PHE B 100 -9.89 -6.17 10.99
CA PHE B 100 -10.32 -7.56 10.91
C PHE B 100 -11.68 -7.66 10.20
N ASP B 101 -11.79 -8.60 9.26
CA ASP B 101 -13.02 -8.76 8.49
C ASP B 101 -14.07 -9.44 9.35
N ASP B 102 -15.13 -8.72 9.68
CA ASP B 102 -16.15 -9.29 10.54
C ASP B 102 -17.18 -10.10 9.80
N ASP B 103 -16.92 -10.40 8.52
CA ASP B 103 -17.64 -11.48 7.85
C ASP B 103 -16.95 -12.82 8.05
N GLU B 104 -15.81 -12.84 8.76
CA GLU B 104 -15.27 -14.10 9.26
C GLU B 104 -15.87 -14.40 10.61
N THR B 105 -15.78 -15.66 11.02
CA THR B 105 -16.14 -16.05 12.36
C THR B 105 -14.85 -16.13 13.20
N TRP B 106 -14.76 -15.22 14.18
CA TRP B 106 -13.60 -15.10 15.07
C TRP B 106 -13.88 -15.90 16.32
N THR B 107 -12.85 -16.56 16.84
CA THR B 107 -13.04 -17.44 17.99
CA THR B 107 -13.04 -17.44 17.99
C THR B 107 -11.85 -17.40 18.93
N SER B 108 -12.11 -17.75 20.19
CA SER B 108 -11.05 -17.94 21.16
C SER B 108 -10.46 -19.35 21.02
N SER B 109 -11.12 -20.25 20.28
CA SER B 109 -10.62 -21.60 20.10
C SER B 109 -10.48 -21.92 18.62
N SER B 110 -11.20 -22.92 18.13
CA SER B 110 -10.95 -23.43 16.78
C SER B 110 -12.10 -23.32 15.81
N LYS B 111 -13.31 -22.98 16.25
CA LYS B 111 -14.47 -22.96 15.37
C LYS B 111 -14.53 -21.63 14.61
N GLY B 112 -13.77 -21.57 13.53
CA GLY B 112 -13.56 -20.33 12.79
C GLY B 112 -12.09 -20.00 12.78
N TYR B 113 -11.76 -18.71 12.79
CA TYR B 113 -10.39 -18.24 12.82
C TYR B 113 -10.06 -17.75 14.23
N ASN B 114 -9.02 -18.32 14.82
CA ASN B 114 -8.58 -17.94 16.13
C ASN B 114 -8.07 -16.50 16.07
N LEU B 115 -8.72 -15.61 16.81
CA LEU B 115 -8.41 -14.19 16.74
C LEU B 115 -7.00 -13.91 17.20
N PHE B 116 -6.58 -14.56 18.30
CA PHE B 116 -5.22 -14.38 18.83
C PHE B 116 -4.16 -14.68 17.76
N LEU B 117 -4.28 -15.79 17.06
CA LEU B 117 -3.27 -16.15 16.04
C LEU B 117 -3.25 -15.14 14.89
N VAL B 118 -4.43 -14.79 14.37
CA VAL B 118 -4.47 -13.86 13.26
C VAL B 118 -3.97 -12.50 13.72
N ALA B 119 -4.40 -12.07 14.90
CA ALA B 119 -3.94 -10.79 15.43
C ALA B 119 -2.45 -10.73 15.62
N ALA B 120 -1.85 -11.82 16.10
CA ALA B 120 -0.40 -11.84 16.32
C ALA B 120 0.33 -11.66 14.99
N HIS B 121 -0.17 -12.33 13.96
CA HIS B 121 0.32 -12.12 12.61
C HIS B 121 0.14 -10.68 12.16
N GLU B 122 -1.08 -10.13 12.30
CA GLU B 122 -1.33 -8.72 11.96
C GLU B 122 -0.33 -7.79 12.63
N PHE B 123 -0.13 -7.97 13.93
CA PHE B 123 0.72 -7.06 14.66
C PHE B 123 2.17 -7.17 14.22
N GLY B 124 2.56 -8.34 13.69
CA GLY B 124 3.86 -8.46 13.02
C GLY B 124 3.99 -7.43 11.92
N HIS B 125 2.95 -7.32 11.10
CA HIS B 125 2.91 -6.32 10.03
C HIS B 125 2.96 -4.91 10.64
N SER B 126 2.15 -4.68 11.66
CA SER B 126 2.09 -3.38 12.33
C SER B 126 3.45 -2.92 12.82
N LEU B 127 4.32 -3.87 13.13
CA LEU B 127 5.63 -3.58 13.72
C LEU B 127 6.76 -3.59 12.69
N GLY B 128 6.46 -3.97 11.45
CA GLY B 128 7.44 -3.88 10.38
C GLY B 128 7.85 -5.16 9.70
N LEU B 129 7.18 -6.28 10.00
CA LEU B 129 7.51 -7.55 9.33
C LEU B 129 6.56 -7.79 8.16
N ASP B 130 7.14 -8.14 7.02
CA ASP B 130 6.38 -8.63 5.88
C ASP B 130 6.23 -10.14 6.01
N HIS B 131 5.67 -10.78 5.00
CA HIS B 131 5.52 -12.24 5.04
C HIS B 131 6.84 -12.97 4.95
N SER B 132 6.94 -14.04 5.74
CA SER B 132 8.10 -14.91 5.74
C SER B 132 7.95 -15.98 4.71
N LYS B 133 9.09 -16.54 4.27
CA LYS B 133 9.07 -17.71 3.40
C LYS B 133 9.30 -18.99 4.19
N ASP B 134 9.57 -18.88 5.48
CA ASP B 134 9.74 -20.06 6.32
C ASP B 134 8.37 -20.65 6.61
N PRO B 135 8.13 -21.88 6.15
CA PRO B 135 6.78 -22.40 6.27
C PRO B 135 6.27 -22.57 7.71
N GLY B 136 7.17 -22.55 8.70
CA GLY B 136 6.75 -22.65 10.08
C GLY B 136 6.55 -21.36 10.82
N ALA B 137 6.75 -20.23 10.15
CA ALA B 137 6.67 -18.93 10.80
C ALA B 137 5.24 -18.47 11.04
N LEU B 138 5.08 -17.70 12.11
CA LEU B 138 3.85 -16.95 12.33
C LEU B 138 3.54 -16.03 11.14
N MET B 139 4.59 -15.43 10.58
CA MET B 139 4.45 -14.52 9.43
C MET B 139 4.38 -15.22 8.08
N PHE B 140 4.36 -16.55 8.07
CA PHE B 140 4.08 -17.29 6.85
C PHE B 140 2.59 -17.22 6.61
N PRO B 141 2.16 -16.76 5.42
CA PRO B 141 0.75 -16.39 5.24
C PRO B 141 -0.25 -17.50 4.94
N ILE B 142 -0.25 -18.52 5.79
CA ILE B 142 -1.32 -19.50 5.79
C ILE B 142 -1.73 -19.69 7.22
N TYR B 143 -3.02 -19.52 7.49
CA TYR B 143 -3.54 -19.81 8.81
C TYR B 143 -3.61 -21.33 9.05
N THR B 144 -3.03 -21.77 10.18
CA THR B 144 -3.17 -23.14 10.65
C THR B 144 -3.32 -23.07 12.16
N TYR B 145 -3.84 -24.15 12.72
CA TYR B 145 -4.18 -24.24 14.14
C TYR B 145 -3.64 -25.54 14.75
N THR B 146 -2.75 -25.42 15.73
CA THR B 146 -2.11 -26.64 16.30
C THR B 146 -3.03 -27.47 17.19
N GLY B 147 -4.03 -26.81 17.78
CA GLY B 147 -4.83 -27.42 18.84
C GLY B 147 -4.20 -27.44 20.21
N LYS B 148 -2.97 -26.95 20.32
CA LYS B 148 -2.27 -26.94 21.61
C LYS B 148 -2.61 -25.65 22.36
N SER B 149 -2.64 -25.75 23.68
CA SER B 149 -3.04 -24.61 24.49
C SER B 149 -1.98 -23.52 24.59
N HIS B 150 -0.71 -23.87 24.37
CA HIS B 150 0.39 -22.89 24.38
C HIS B 150 0.92 -22.65 22.98
N PHE B 151 1.29 -21.38 22.74
CA PHE B 151 1.83 -20.94 21.48
C PHE B 151 3.27 -20.51 21.69
N MET B 152 4.17 -21.00 20.85
CA MET B 152 5.56 -20.54 20.90
C MET B 152 5.91 -19.82 19.62
N LEU B 153 6.43 -18.61 19.76
CA LEU B 153 6.81 -17.80 18.62
C LEU B 153 7.99 -18.49 17.92
N PRO B 154 7.80 -18.86 16.64
CA PRO B 154 8.87 -19.53 15.92
C PRO B 154 10.12 -18.69 15.79
N ASP B 155 11.26 -19.39 15.70
CA ASP B 155 12.52 -18.68 15.67
C ASP B 155 12.64 -17.68 14.52
N ASP B 156 12.07 -18.01 13.36
CA ASP B 156 12.15 -17.09 12.23
C ASP B 156 11.57 -15.72 12.59
N ASP B 157 10.43 -15.73 13.28
CA ASP B 157 9.77 -14.49 13.68
C ASP B 157 10.53 -13.75 14.77
N VAL B 158 11.12 -14.51 15.69
CA VAL B 158 11.99 -13.91 16.74
C VAL B 158 13.13 -13.19 16.04
N GLN B 159 13.78 -13.89 15.13
CA GLN B 159 14.90 -13.29 14.42
C GLN B 159 14.49 -12.05 13.64
N GLY B 160 13.34 -12.12 12.98
CA GLY B 160 12.87 -11.00 12.19
C GLY B 160 12.58 -9.76 13.02
N ILE B 161 11.83 -9.92 14.10
CA ILE B 161 11.46 -8.79 14.91
C ILE B 161 12.67 -8.23 15.65
N GLN B 162 13.58 -9.09 16.08
CA GLN B 162 14.79 -8.60 16.75
C GLN B 162 15.72 -7.90 15.77
N SER B 163 15.68 -8.26 14.49
CA SER B 163 16.51 -7.54 13.51
C SER B 163 16.11 -6.08 13.44
N LEU B 164 14.87 -5.75 13.81
CA LEU B 164 14.41 -4.37 13.83
C LEU B 164 14.62 -3.69 15.17
N TYR B 165 14.30 -4.39 16.26
CA TYR B 165 14.18 -3.74 17.57
C TYR B 165 15.18 -4.25 18.60
N GLY B 166 15.90 -5.31 18.27
CA GLY B 166 16.80 -5.96 19.24
C GLY B 166 16.04 -6.84 20.21
N PRO B 167 16.77 -7.56 21.05
CA PRO B 167 16.12 -8.44 22.01
C PRO B 167 15.63 -7.69 23.23
N GLY B 168 14.84 -8.38 24.04
CA GLY B 168 14.42 -7.85 25.33
C GLY B 168 15.60 -7.69 26.27
ZN ZN C . 2.22 15.17 -9.40
CA CA D . -3.13 -0.91 -8.77
ZN ZN E . -8.89 9.20 -8.20
CA CA F . -9.92 19.61 -12.41
NA NA G . -12.35 16.20 -21.26
C1 AZ4 H . -0.52 14.96 -10.01
C2 AZ4 H . -1.61 16.74 -8.67
C3 AZ4 H . -1.67 16.61 -7.17
O4 AZ4 H . -2.19 19.96 -10.88
O5 AZ4 H . 5.66 17.86 -16.94
N6 AZ4 H . 3.67 18.72 -13.98
C7 AZ4 H . 1.11 12.59 -5.91
C8 AZ4 H . 0.06 12.20 -6.71
C9 AZ4 H . -1.57 18.21 -9.06
C10 AZ4 H . 0.39 19.22 -11.65
C11 AZ4 H . 1.73 18.72 -12.09
C12 AZ4 H . 0.57 16.94 -13.42
C13 AZ4 H . -0.75 17.41 -12.84
C14 AZ4 H . 2.61 17.94 -14.23
C15 AZ4 H . 4.68 18.70 -14.85
C16 AZ4 H . 4.66 17.93 -15.98
C19 AZ4 H . 3.55 17.15 -16.17
O1 AZ4 H . 0.81 16.42 -8.79
N1 AZ4 H . -0.48 15.96 -9.14
O2 AZ4 H . 0.46 14.32 -10.37
C4 AZ4 H . -2.02 15.18 -6.77
C5 AZ4 H . -0.87 14.26 -6.48
N2 AZ4 H . 0.11 14.75 -5.71
C6 AZ4 H . 1.10 13.88 -5.44
F1 AZ4 H . 2.12 11.74 -5.62
N3 AZ4 H . -0.95 13.02 -7.01
S1 AZ4 H . -1.95 18.53 -10.77
O3 AZ4 H . -3.00 17.64 -11.19
N4 AZ4 H . -0.55 18.09 -11.56
N5 AZ4 H . 1.56 17.99 -13.32
C17 AZ4 H . 6.67 18.81 -16.69
C18 AZ4 H . 7.56 18.79 -17.92
F2 AZ4 H . 6.88 19.18 -19.03
F3 AZ4 H . 8.64 19.58 -17.73
F4 AZ4 H . 8.03 17.54 -18.20
N7 AZ4 H . 2.52 17.15 -15.31
ZN ZN I . -0.14 -11.08 6.50
ZN ZN J . -9.00 -1.74 6.24
CA CA K . -1.77 4.30 13.48
CA CA L . -13.06 -12.19 4.08
NA NA M . -17.99 -12.26 12.47
C1 AZ4 N . -2.78 -10.09 6.53
C2 AZ4 N . -3.71 -10.67 4.25
C3 AZ4 N . -3.19 -9.86 3.10
O4 AZ4 N . -5.41 -14.19 4.10
O5 AZ4 N . -0.28 -18.02 11.90
N6 AZ4 N . -1.08 -16.61 8.62
C7 AZ4 N . 0.61 -7.07 4.80
C8 AZ4 N . -0.57 -6.69 5.38
C9 AZ4 N . -3.93 -12.09 3.78
C10 AZ4 N . -2.85 -14.56 5.68
C11 AZ4 N . -2.83 -15.67 6.71
C12 AZ4 N . -3.69 -14.13 8.47
C13 AZ4 N . -3.85 -13.04 7.42
C14 AZ4 N . -2.06 -15.77 8.99
C15 AZ4 N . -0.49 -17.35 9.56
C16 AZ4 N . -0.84 -17.26 10.87
C19 AZ4 N . -1.84 -16.37 11.19
O1 AZ4 N . -1.51 -11.33 5.02
N1 AZ4 N . -2.68 -10.62 5.28
O2 AZ4 N . -1.88 -10.07 7.37
C4 AZ4 N . -3.10 -8.39 3.47
C5 AZ4 N . -1.78 -7.93 3.95
N2 AZ4 N . -0.68 -8.39 3.33
C6 AZ4 N . 0.52 -7.95 3.76
F1 AZ4 N . 1.79 -6.60 5.25
N3 AZ4 N . -1.79 -7.10 4.99
S1 AZ4 N . -4.95 -13.06 4.86
O3 AZ4 N . -5.91 -12.19 5.52
N4 AZ4 N . -3.93 -13.64 6.06
N5 AZ4 N . -2.65 -14.99 7.99
C17 AZ4 N . 0.54 -19.06 11.38
C18 AZ4 N . 0.82 -20.01 12.52
F2 AZ4 N . -0.31 -20.56 13.05
F3 AZ4 N . 1.63 -21.01 12.13
F4 AZ4 N . 1.45 -19.37 13.53
N7 AZ4 N . -2.45 -15.62 10.26
#